data_9HGQ
#
_entry.id   9HGQ
#
_cell.length_a   73.310
_cell.length_b   73.310
_cell.length_c   184.141
_cell.angle_alpha   90.00
_cell.angle_beta   90.00
_cell.angle_gamma   120.00
#
_symmetry.space_group_name_H-M   'P 31 2 1'
#
loop_
_entity.id
_entity.type
_entity.pdbx_description
1 polymer '2-methylisocitrate lyase'
2 non-polymer 'ALPHA-METHYLISOCITRIC ACID'
3 non-polymer ETHANOL
4 non-polymer 1,2-ETHANEDIOL
5 non-polymer 'MAGNESIUM ION'
6 non-polymer 'CHLORIDE ION'
7 water water
#
_entity_poly.entity_id   1
_entity_poly.type   'polypeptide(L)'
_entity_poly.pdbx_seq_one_letter_code
;MHHHHHHSSGVDLGTENLYFQSMSPGKLFRQAVANEHPLQIVGAINAYCALLAENVGFKAIYLSGGGVANTLGLPDLGIT
DLHDVLEDARRITAATHLPLLVDIDTGFGGAFTIARAIKEMERAQVAAVHMEDQVAQKRCGHRPGKELVNTNEMVDRIKA
AVDVKSNDFVLIARTDAYAVEGLKATIDRACTYVEAGADMIFAEALENINDYPTFCKAVKVPVLANMTEFGKTPLYTAAQ
LADHGVKMVLYPRSADRAMSKAALAVYEDIKKHGVQTASLPFMQTREALYEVLNYHAYEDKLNQLFKRKEDD
;
_entity_poly.pdbx_strand_id   A,B
#
loop_
_chem_comp.id
_chem_comp.type
_chem_comp.name
_chem_comp.formula
CL non-polymer 'CHLORIDE ION' 'Cl -1'
EDO non-polymer 1,2-ETHANEDIOL 'C2 H6 O2'
EOH non-polymer ETHANOL 'C2 H6 O'
MG non-polymer 'MAGNESIUM ION' 'Mg 2'
MIC non-polymer 'ALPHA-METHYLISOCITRIC ACID' 'C7 H10 O7'
#
# COMPACT_ATOMS: atom_id res chain seq x y z
N TYR A 19 -30.90 5.29 1.85
CA TYR A 19 -32.14 5.63 1.10
C TYR A 19 -31.85 6.74 0.08
N PHE A 20 -32.92 7.33 -0.48
CA PHE A 20 -32.81 8.43 -1.44
C PHE A 20 -32.73 9.75 -0.68
N GLN A 21 -31.57 9.98 -0.05
CA GLN A 21 -31.25 11.21 0.64
C GLN A 21 -29.86 11.69 0.22
N SER A 22 -29.03 10.74 -0.24
CA SER A 22 -27.60 10.95 -0.41
C SER A 22 -26.99 11.38 0.91
N MET A 23 -26.51 10.38 1.67
CA MET A 23 -26.14 10.52 3.07
C MET A 23 -24.67 10.97 3.19
N SER A 24 -24.38 11.79 4.21
CA SER A 24 -23.02 12.18 4.55
C SER A 24 -22.23 10.95 5.02
N PRO A 25 -20.88 10.92 4.91
CA PRO A 25 -20.11 9.76 5.36
C PRO A 25 -20.41 9.40 6.81
N GLY A 26 -20.47 10.38 7.68
CA GLY A 26 -20.74 10.11 9.08
C GLY A 26 -22.10 9.45 9.28
N LYS A 27 -23.11 9.95 8.55
CA LYS A 27 -24.44 9.37 8.62
C LYS A 27 -24.38 7.91 8.16
N LEU A 28 -23.59 7.63 7.10
CA LEU A 28 -23.49 6.27 6.60
C LEU A 28 -22.90 5.36 7.68
N PHE A 29 -21.94 5.91 8.43
CA PHE A 29 -21.28 5.16 9.47
C PHE A 29 -22.26 4.87 10.63
N ARG A 30 -22.95 5.90 11.08
CA ARG A 30 -23.93 5.76 12.14
C ARG A 30 -24.98 4.72 11.75
N GLN A 31 -25.36 4.71 10.49
CA GLN A 31 -26.42 3.84 10.00
CA GLN A 31 -26.42 3.84 10.01
C GLN A 31 -25.87 2.41 9.92
N ALA A 32 -24.60 2.27 9.52
CA ALA A 32 -23.99 0.95 9.46
C ALA A 32 -23.90 0.35 10.86
N VAL A 33 -23.60 1.20 11.86
CA VAL A 33 -23.50 0.74 13.23
C VAL A 33 -24.88 0.27 13.70
N ALA A 34 -25.92 1.06 13.40
CA ALA A 34 -27.29 0.75 13.83
C ALA A 34 -27.83 -0.50 13.14
N ASN A 35 -27.44 -0.74 11.88
CA ASN A 35 -28.01 -1.80 11.06
C ASN A 35 -27.43 -3.18 11.41
N GLU A 36 -26.19 -3.22 11.88
CA GLU A 36 -25.48 -4.48 12.02
C GLU A 36 -25.47 -4.92 13.48
N HIS A 37 -25.25 -6.22 13.68
CA HIS A 37 -25.21 -6.77 15.02
C HIS A 37 -24.07 -7.79 15.11
N PRO A 38 -22.79 -7.33 15.29
CA PRO A 38 -22.44 -5.92 15.34
C PRO A 38 -21.84 -5.50 14.00
N LEU A 39 -21.47 -4.22 13.85
CA LEU A 39 -20.74 -3.82 12.66
C LEU A 39 -19.29 -4.30 12.77
N GLN A 40 -18.88 -5.15 11.83
CA GLN A 40 -17.48 -5.53 11.70
C GLN A 40 -16.79 -4.49 10.81
N ILE A 41 -15.68 -3.92 11.29
CA ILE A 41 -14.90 -2.91 10.57
C ILE A 41 -13.51 -3.51 10.34
N VAL A 42 -13.13 -3.66 9.08
CA VAL A 42 -11.86 -4.31 8.75
C VAL A 42 -10.84 -3.30 8.26
N GLY A 43 -9.61 -3.44 8.78
CA GLY A 43 -8.47 -2.67 8.33
C GLY A 43 -8.19 -2.88 6.84
N ALA A 44 -7.92 -1.79 6.11
CA ALA A 44 -7.44 -1.84 4.74
C ALA A 44 -6.30 -0.82 4.62
N ILE A 45 -5.13 -1.25 4.13
CA ILE A 45 -3.97 -0.39 4.08
C ILE A 45 -4.01 0.54 2.86
N ASN A 46 -4.78 0.18 1.83
CA ASN A 46 -4.82 0.98 0.62
C ASN A 46 -6.21 0.85 -0.03
N ALA A 47 -6.42 1.57 -1.14
CA ALA A 47 -7.72 1.63 -1.79
C ALA A 47 -8.10 0.26 -2.35
N TYR A 48 -7.12 -0.45 -2.91
CA TYR A 48 -7.43 -1.77 -3.44
C TYR A 48 -7.93 -2.74 -2.36
N CYS A 49 -7.31 -2.72 -1.18
CA CYS A 49 -7.74 -3.59 -0.10
C CYS A 49 -9.16 -3.22 0.32
N ALA A 50 -9.49 -1.92 0.28
CA ALA A 50 -10.83 -1.49 0.64
C ALA A 50 -11.85 -2.04 -0.36
N LEU A 51 -11.47 -2.10 -1.64
CA LEU A 51 -12.34 -2.67 -2.67
C LEU A 51 -12.55 -4.16 -2.42
N LEU A 52 -11.51 -4.86 -1.98
CA LEU A 52 -11.62 -6.27 -1.66
C LEU A 52 -12.60 -6.47 -0.51
N ALA A 53 -12.46 -5.68 0.55
CA ALA A 53 -13.39 -5.79 1.67
C ALA A 53 -14.83 -5.51 1.23
N GLU A 54 -15.03 -4.50 0.37
CA GLU A 54 -16.35 -4.13 -0.11
C GLU A 54 -16.97 -5.31 -0.87
N ASN A 55 -16.16 -5.97 -1.70
CA ASN A 55 -16.55 -7.12 -2.50
C ASN A 55 -17.05 -8.26 -1.60
N VAL A 56 -16.33 -8.53 -0.51
CA VAL A 56 -16.69 -9.55 0.44
C VAL A 56 -17.99 -9.16 1.16
N GLY A 57 -18.27 -7.85 1.32
CA GLY A 57 -19.56 -7.46 1.88
C GLY A 57 -19.48 -6.70 3.20
N PHE A 58 -18.29 -6.25 3.62
CA PHE A 58 -18.22 -5.46 4.84
C PHE A 58 -18.89 -4.10 4.63
N LYS A 59 -19.41 -3.52 5.71
CA LYS A 59 -20.16 -2.28 5.60
C LYS A 59 -19.36 -1.07 6.10
N ALA A 60 -18.17 -1.31 6.68
CA ALA A 60 -17.28 -0.20 7.05
C ALA A 60 -15.85 -0.69 7.03
N ILE A 61 -14.93 0.26 6.80
CA ILE A 61 -13.51 -0.05 6.65
C ILE A 61 -12.70 0.87 7.56
N TYR A 62 -11.41 0.55 7.71
CA TYR A 62 -10.58 1.18 8.74
C TYR A 62 -9.18 1.45 8.20
N LEU A 63 -8.66 2.63 8.55
CA LEU A 63 -7.29 3.01 8.22
C LEU A 63 -6.50 3.06 9.53
N SER A 64 -5.67 2.05 9.75
CA SER A 64 -4.89 1.90 10.98
C SER A 64 -3.69 2.84 10.95
N GLY A 65 -3.45 3.51 12.09
CA GLY A 65 -2.29 4.39 12.25
C GLY A 65 -0.98 3.61 12.18
N GLY A 66 -0.97 2.46 12.86
CA GLY A 66 0.18 1.58 12.85
C GLY A 66 0.41 1.05 11.44
N GLY A 67 -0.70 0.76 10.76
CA GLY A 67 -0.64 0.36 9.36
C GLY A 67 -0.04 1.47 8.48
N VAL A 68 -0.45 2.73 8.73
CA VAL A 68 0.07 3.82 7.89
C VAL A 68 1.60 3.89 8.09
N ALA A 69 2.04 3.85 9.36
CA ALA A 69 3.47 3.95 9.68
C ALA A 69 4.22 2.76 9.08
N ASN A 70 3.78 1.54 9.43
CA ASN A 70 4.46 0.30 9.05
C ASN A 70 4.55 0.17 7.53
N THR A 71 3.51 0.61 6.81
CA THR A 71 3.52 0.51 5.35
C THR A 71 4.55 1.47 4.76
N LEU A 72 4.88 2.54 5.49
CA LEU A 72 5.97 3.43 5.11
C LEU A 72 7.35 2.89 5.51
N GLY A 73 7.39 1.75 6.19
CA GLY A 73 8.63 1.21 6.73
C GLY A 73 9.05 1.90 8.03
N LEU A 74 8.08 2.47 8.74
CA LEU A 74 8.34 3.14 9.99
C LEU A 74 7.67 2.36 11.12
N PRO A 75 8.29 2.32 12.31
CA PRO A 75 7.63 1.78 13.49
C PRO A 75 6.55 2.75 13.94
N ASP A 76 5.57 2.20 14.66
CA ASP A 76 4.40 2.90 15.12
C ASP A 76 4.76 3.70 16.37
N LEU A 77 5.58 4.74 16.22
CA LEU A 77 6.11 5.47 17.38
C LEU A 77 5.66 6.94 17.35
N GLY A 78 4.61 7.27 16.61
CA GLY A 78 4.14 8.64 16.52
C GLY A 78 5.04 9.52 15.66
N ILE A 79 5.75 8.93 14.69
CA ILE A 79 6.59 9.70 13.76
C ILE A 79 5.70 10.31 12.67
N THR A 80 4.66 9.57 12.25
CA THR A 80 3.82 10.03 11.15
C THR A 80 2.99 11.24 11.60
N ASP A 81 2.53 12.06 10.63
CA ASP A 81 1.77 13.25 10.98
C ASP A 81 0.38 13.21 10.33
N LEU A 82 -0.36 14.31 10.44
CA LEU A 82 -1.67 14.41 9.79
C LEU A 82 -1.56 14.06 8.30
N HIS A 83 -0.52 14.59 7.62
CA HIS A 83 -0.43 14.39 6.18
C HIS A 83 -0.22 12.93 5.78
N ASP A 84 0.56 12.17 6.55
CA ASP A 84 0.78 10.78 6.18
C ASP A 84 -0.55 10.03 6.16
N VAL A 85 -1.36 10.25 7.19
CA VAL A 85 -2.63 9.55 7.36
C VAL A 85 -3.66 10.11 6.37
N LEU A 86 -3.73 11.45 6.26
CA LEU A 86 -4.70 12.09 5.39
C LEU A 86 -4.55 11.57 3.95
N GLU A 87 -3.28 11.44 3.49
CA GLU A 87 -3.06 11.05 2.12
C GLU A 87 -3.53 9.60 1.89
N ASP A 88 -3.30 8.71 2.85
CA ASP A 88 -3.76 7.32 2.71
C ASP A 88 -5.29 7.27 2.79
N ALA A 89 -5.91 8.13 3.61
CA ALA A 89 -7.35 8.18 3.76
C ALA A 89 -8.00 8.65 2.47
N ARG A 90 -7.45 9.72 1.87
CA ARG A 90 -8.00 10.28 0.64
C ARG A 90 -7.99 9.23 -0.47
N ARG A 91 -6.89 8.47 -0.56
CA ARG A 91 -6.81 7.49 -1.64
C ARG A 91 -7.91 6.45 -1.48
N ILE A 92 -8.21 6.04 -0.23
CA ILE A 92 -9.25 5.06 0.01
C ILE A 92 -10.63 5.65 -0.30
N THR A 93 -10.95 6.83 0.26
CA THR A 93 -12.30 7.36 0.05
C THR A 93 -12.55 7.74 -1.41
N ALA A 94 -11.49 8.00 -2.19
CA ALA A 94 -11.69 8.26 -3.61
C ALA A 94 -12.22 7.01 -4.31
N ALA A 95 -11.95 5.84 -3.75
CA ALA A 95 -12.23 4.61 -4.46
C ALA A 95 -13.53 3.96 -3.99
N THR A 96 -14.05 4.37 -2.82
CA THR A 96 -15.21 3.70 -2.27
C THR A 96 -16.00 4.67 -1.39
N HIS A 97 -17.33 4.48 -1.35
CA HIS A 97 -18.20 5.27 -0.48
C HIS A 97 -18.46 4.52 0.82
N LEU A 98 -17.98 3.27 0.90
CA LEU A 98 -18.01 2.52 2.15
C LEU A 98 -17.43 3.39 3.25
N PRO A 99 -18.17 3.64 4.36
CA PRO A 99 -17.71 4.54 5.41
C PRO A 99 -16.36 4.12 6.01
N LEU A 100 -15.42 5.07 6.11
CA LEU A 100 -14.06 4.79 6.59
C LEU A 100 -13.88 5.40 7.97
N LEU A 101 -13.34 4.57 8.91
CA LEU A 101 -12.91 5.06 10.21
C LEU A 101 -11.40 5.27 10.15
N VAL A 102 -10.92 6.44 10.61
CA VAL A 102 -9.51 6.73 10.49
C VAL A 102 -8.91 6.94 11.88
N ASP A 103 -7.75 6.30 12.12
CA ASP A 103 -6.93 6.49 13.31
C ASP A 103 -6.17 7.82 13.20
N ILE A 104 -6.43 8.76 14.11
CA ILE A 104 -5.66 9.99 14.13
C ILE A 104 -4.84 10.12 15.41
N ASP A 105 -4.57 8.98 16.05
CA ASP A 105 -3.64 8.97 17.18
C ASP A 105 -4.13 9.92 18.27
N THR A 106 -3.26 10.82 18.73
CA THR A 106 -3.61 11.77 19.78
C THR A 106 -3.97 13.13 19.18
N GLY A 107 -4.15 13.19 17.85
CA GLY A 107 -4.57 14.41 17.19
C GLY A 107 -3.45 15.23 16.56
N PHE A 108 -2.19 14.78 16.72
CA PHE A 108 -1.02 15.28 16.01
C PHE A 108 -0.46 16.58 16.59
N GLY A 109 -1.07 17.10 17.66
CA GLY A 109 -0.58 18.29 18.36
C GLY A 109 -1.70 18.89 19.20
N GLY A 110 -1.67 20.20 19.41
CA GLY A 110 -2.63 20.86 20.29
C GLY A 110 -4.00 21.11 19.63
N ALA A 111 -4.77 22.01 20.25
CA ALA A 111 -6.17 22.19 19.91
C ALA A 111 -6.35 22.53 18.43
N PHE A 112 -5.48 23.41 17.92
CA PHE A 112 -5.65 23.88 16.53
C PHE A 112 -5.25 22.79 15.53
N THR A 113 -4.27 21.95 15.88
CA THR A 113 -3.91 20.82 15.03
C THR A 113 -5.02 19.78 15.00
N ILE A 114 -5.63 19.54 16.16
CA ILE A 114 -6.76 18.63 16.25
C ILE A 114 -7.90 19.17 15.38
N ALA A 115 -8.15 20.48 15.48
CA ALA A 115 -9.20 21.08 14.69
C ALA A 115 -8.91 20.89 13.22
N ARG A 116 -7.66 21.12 12.82
CA ARG A 116 -7.26 20.94 11.43
C ARG A 116 -7.47 19.49 10.99
N ALA A 117 -7.09 18.55 11.86
CA ALA A 117 -7.25 17.13 11.55
C ALA A 117 -8.71 16.77 11.28
N ILE A 118 -9.61 17.22 12.16
CA ILE A 118 -11.03 16.95 11.98
C ILE A 118 -11.52 17.51 10.64
N LYS A 119 -11.20 18.79 10.37
CA LYS A 119 -11.71 19.45 9.18
C LYS A 119 -11.14 18.79 7.93
N GLU A 120 -9.85 18.44 7.95
CA GLU A 120 -9.24 17.81 6.79
C GLU A 120 -9.82 16.41 6.59
N MET A 121 -10.05 15.68 7.70
CA MET A 121 -10.63 14.35 7.54
C MET A 121 -12.04 14.47 6.96
N GLU A 122 -12.80 15.48 7.41
CA GLU A 122 -14.15 15.68 6.87
C GLU A 122 -14.06 16.03 5.39
N ARG A 123 -13.14 16.93 5.03
CA ARG A 123 -12.93 17.30 3.64
C ARG A 123 -12.55 16.08 2.79
N ALA A 124 -11.90 15.08 3.40
CA ALA A 124 -11.47 13.88 2.66
C ALA A 124 -12.57 12.83 2.57
N GLN A 125 -13.78 13.19 3.03
CA GLN A 125 -14.95 12.34 2.91
C GLN A 125 -14.83 11.14 3.87
N VAL A 126 -14.00 11.28 4.90
CA VAL A 126 -13.90 10.28 5.95
C VAL A 126 -15.17 10.31 6.81
N ALA A 127 -15.58 9.14 7.33
CA ALA A 127 -16.83 9.04 8.07
C ALA A 127 -16.64 9.22 9.57
N ALA A 128 -15.51 8.74 10.12
CA ALA A 128 -15.28 8.65 11.56
C ALA A 128 -13.77 8.74 11.83
N VAL A 129 -13.39 9.28 13.00
CA VAL A 129 -12.02 9.17 13.45
C VAL A 129 -12.01 8.64 14.89
N HIS A 130 -10.89 8.05 15.30
CA HIS A 130 -10.68 7.83 16.71
C HIS A 130 -9.42 8.54 17.14
N MET A 131 -9.52 9.15 18.32
CA MET A 131 -8.44 9.86 18.96
C MET A 131 -8.29 9.24 20.35
N GLU A 132 -7.03 9.12 20.82
CA GLU A 132 -6.78 8.36 22.04
C GLU A 132 -6.21 9.23 23.15
N ASP A 133 -6.14 8.62 24.34
CA ASP A 133 -5.73 9.29 25.57
C ASP A 133 -4.31 8.88 25.98
N GLN A 134 -3.44 8.55 25.02
CA GLN A 134 -2.03 8.40 25.30
C GLN A 134 -1.36 9.77 25.36
N VAL A 135 -0.23 9.81 26.08
CA VAL A 135 0.66 10.97 26.04
C VAL A 135 1.21 11.09 24.63
N ALA A 136 1.30 12.33 24.15
CA ALA A 136 1.80 12.62 22.82
C ALA A 136 3.20 13.20 22.93
N GLN A 137 3.24 14.45 23.39
CA GLN A 137 4.33 15.37 23.17
C GLN A 137 5.38 15.18 24.27
N LYS A 138 6.03 14.02 24.25
CA LYS A 138 7.10 13.67 25.18
C LYS A 138 8.38 14.42 24.78
N ARG A 139 9.40 14.36 25.66
CA ARG A 139 10.69 15.00 25.38
C ARG A 139 11.31 14.41 24.12
N CYS A 140 12.32 15.10 23.59
CA CYS A 140 12.94 14.75 22.32
C CYS A 140 13.43 13.30 22.35
N GLY A 141 14.41 13.04 23.22
CA GLY A 141 15.00 11.72 23.37
C GLY A 141 14.24 10.87 24.38
N HIS A 142 12.90 10.94 24.32
CA HIS A 142 12.00 10.26 25.27
C HIS A 142 11.60 8.90 24.71
N ARG A 143 11.81 7.86 25.54
CA ARG A 143 11.70 6.45 25.17
C ARG A 143 10.26 6.07 24.85
N PRO A 144 10.02 4.99 24.05
CA PRO A 144 8.68 4.46 23.84
C PRO A 144 8.07 3.84 25.10
N GLY A 145 6.73 3.95 25.24
CA GLY A 145 6.03 3.53 26.45
C GLY A 145 4.51 3.68 26.33
N LYS A 146 3.79 3.26 27.39
CA LYS A 146 2.32 3.24 27.40
C LYS A 146 1.79 4.10 28.55
N GLU A 147 1.88 5.43 28.37
CA GLU A 147 1.45 6.39 29.38
C GLU A 147 0.18 7.10 28.90
N LEU A 148 -0.73 7.34 29.84
CA LEU A 148 -1.99 8.01 29.58
C LEU A 148 -1.91 9.46 30.05
N VAL A 149 -2.56 10.35 29.31
CA VAL A 149 -2.83 11.69 29.82
C VAL A 149 -3.95 11.58 30.85
N ASN A 150 -4.05 12.58 31.74
CA ASN A 150 -5.13 12.67 32.70
C ASN A 150 -6.45 12.88 31.95
N THR A 151 -7.55 12.51 32.61
CA THR A 151 -8.86 12.62 32.04
C THR A 151 -9.10 14.03 31.46
N ASN A 152 -8.70 15.05 32.21
CA ASN A 152 -8.96 16.44 31.89
C ASN A 152 -8.31 16.82 30.57
N GLU A 153 -7.09 16.32 30.34
CA GLU A 153 -6.33 16.60 29.13
C GLU A 153 -7.02 15.97 27.92
N MET A 154 -7.50 14.73 28.07
CA MET A 154 -8.22 14.09 26.99
C MET A 154 -9.53 14.83 26.73
N VAL A 155 -10.19 15.28 27.81
CA VAL A 155 -11.41 16.06 27.65
C VAL A 155 -11.14 17.27 26.76
N ASP A 156 -9.98 17.93 26.98
CA ASP A 156 -9.63 19.12 26.22
C ASP A 156 -9.44 18.76 24.75
N ARG A 157 -8.75 17.64 24.49
CA ARG A 157 -8.57 17.15 23.14
C ARG A 157 -9.93 16.92 22.47
N ILE A 158 -10.85 16.24 23.16
CA ILE A 158 -12.18 15.99 22.62
C ILE A 158 -12.91 17.30 22.33
N LYS A 159 -12.87 18.26 23.26
CA LYS A 159 -13.57 19.52 23.07
C LYS A 159 -13.02 20.26 21.85
N ALA A 160 -11.70 20.24 21.65
CA ALA A 160 -11.06 20.80 20.46
C ALA A 160 -11.65 20.19 19.19
N ALA A 161 -11.87 18.87 19.21
CA ALA A 161 -12.39 18.16 18.05
C ALA A 161 -13.87 18.49 17.86
N VAL A 162 -14.65 18.45 18.94
CA VAL A 162 -16.11 18.57 18.86
C VAL A 162 -16.47 19.97 18.40
N ASP A 163 -15.64 20.93 18.78
CA ASP A 163 -15.83 22.33 18.44
C ASP A 163 -15.99 22.56 16.93
N VAL A 164 -15.35 21.73 16.09
CA VAL A 164 -15.32 22.07 14.67
C VAL A 164 -16.02 20.98 13.85
N LYS A 165 -16.40 19.86 14.47
CA LYS A 165 -16.92 18.79 13.65
C LYS A 165 -18.37 19.09 13.27
N SER A 166 -18.78 18.53 12.13
CA SER A 166 -20.16 18.54 11.73
C SER A 166 -20.91 17.54 12.62
N ASN A 167 -22.25 17.63 12.62
CA ASN A 167 -23.07 16.83 13.53
C ASN A 167 -22.94 15.36 13.14
N ASP A 168 -23.01 15.08 11.84
CA ASP A 168 -23.04 13.70 11.38
C ASP A 168 -21.69 13.01 11.57
N PHE A 169 -20.60 13.77 11.53
CA PHE A 169 -19.26 13.17 11.58
C PHE A 169 -19.06 12.49 12.93
N VAL A 170 -18.43 11.31 12.93
CA VAL A 170 -18.29 10.53 14.17
C VAL A 170 -16.89 10.70 14.78
N LEU A 171 -16.87 11.23 16.01
CA LEU A 171 -15.70 11.17 16.86
C LEU A 171 -15.78 9.98 17.81
N ILE A 172 -14.85 9.03 17.67
CA ILE A 172 -14.73 7.92 18.62
C ILE A 172 -13.58 8.24 19.57
N ALA A 173 -13.86 8.29 20.87
CA ALA A 173 -12.79 8.49 21.85
C ALA A 173 -12.27 7.11 22.22
N ARG A 174 -10.95 6.96 22.09
CA ARG A 174 -10.29 5.69 22.38
C ARG A 174 -9.58 5.81 23.71
N THR A 175 -9.81 4.84 24.59
CA THR A 175 -9.09 4.81 25.85
C THR A 175 -8.18 3.60 25.85
N ASP A 176 -6.94 3.81 26.29
CA ASP A 176 -5.97 2.73 26.48
C ASP A 176 -5.80 2.48 27.97
N ALA A 177 -6.78 2.93 28.77
CA ALA A 177 -6.68 2.90 30.23
C ALA A 177 -6.80 1.47 30.77
N TYR A 178 -7.48 0.58 30.06
CA TYR A 178 -7.82 -0.72 30.63
C TYR A 178 -6.58 -1.46 31.15
N ALA A 179 -5.59 -1.66 30.27
CA ALA A 179 -4.38 -2.41 30.57
C ALA A 179 -3.64 -1.81 31.76
N VAL A 180 -3.84 -0.50 31.99
CA VAL A 180 -2.95 0.24 32.86
C VAL A 180 -3.65 0.53 34.19
N GLU A 181 -4.97 0.75 34.14
CA GLU A 181 -5.67 1.34 35.28
C GLU A 181 -6.78 0.41 35.76
N GLY A 182 -7.14 -0.62 34.97
CA GLY A 182 -8.27 -1.49 35.30
C GLY A 182 -9.63 -0.99 34.80
N LEU A 183 -10.63 -1.84 35.01
CA LEU A 183 -11.96 -1.68 34.42
C LEU A 183 -12.65 -0.44 34.94
N LYS A 184 -12.54 -0.21 36.25
CA LYS A 184 -13.32 0.85 36.89
C LYS A 184 -12.87 2.23 36.39
N ALA A 185 -11.54 2.44 36.37
CA ALA A 185 -10.95 3.71 35.97
C ALA A 185 -11.26 3.99 34.51
N THR A 186 -11.26 2.92 33.70
CA THR A 186 -11.52 2.95 32.27
C THR A 186 -12.95 3.46 32.04
N ILE A 187 -13.91 2.91 32.78
CA ILE A 187 -15.30 3.28 32.64
C ILE A 187 -15.47 4.75 33.01
N ASP A 188 -14.80 5.17 34.09
CA ASP A 188 -14.89 6.56 34.50
C ASP A 188 -14.40 7.49 33.38
N ARG A 189 -13.25 7.15 32.79
CA ARG A 189 -12.70 7.96 31.70
C ARG A 189 -13.70 7.98 30.55
N ALA A 190 -14.10 6.78 30.11
CA ALA A 190 -14.98 6.66 28.97
C ALA A 190 -16.21 7.54 29.15
N CYS A 191 -16.78 7.53 30.37
CA CYS A 191 -18.00 8.26 30.66
C CYS A 191 -17.76 9.76 30.58
N THR A 192 -16.64 10.22 31.13
CA THR A 192 -16.21 11.60 31.07
C THR A 192 -16.00 12.01 29.61
N TYR A 193 -15.45 11.09 28.80
CA TYR A 193 -15.22 11.36 27.38
C TYR A 193 -16.55 11.55 26.65
N VAL A 194 -17.55 10.74 27.00
CA VAL A 194 -18.87 10.87 26.40
C VAL A 194 -19.48 12.22 26.82
N GLU A 195 -19.27 12.60 28.09
CA GLU A 195 -19.84 13.87 28.54
C GLU A 195 -19.24 15.03 27.75
N ALA A 196 -17.95 14.92 27.39
CA ALA A 196 -17.22 15.95 26.65
C ALA A 196 -17.67 16.02 25.19
N GLY A 197 -18.41 15.02 24.72
CA GLY A 197 -19.00 15.06 23.39
C GLY A 197 -18.55 13.95 22.46
N ALA A 198 -17.79 12.97 22.96
CA ALA A 198 -17.46 11.85 22.09
C ALA A 198 -18.74 11.13 21.68
N ASP A 199 -18.79 10.69 20.42
CA ASP A 199 -19.96 10.01 19.87
C ASP A 199 -19.96 8.54 20.24
N MET A 200 -18.77 7.92 20.23
CA MET A 200 -18.65 6.50 20.52
C MET A 200 -17.35 6.28 21.28
N ILE A 201 -17.18 5.04 21.78
CA ILE A 201 -16.06 4.69 22.61
C ILE A 201 -15.34 3.50 21.99
N PHE A 202 -14.01 3.60 21.96
CA PHE A 202 -13.11 2.55 21.49
C PHE A 202 -12.34 2.03 22.70
N ALA A 203 -12.53 0.76 23.03
CA ALA A 203 -11.73 0.15 24.10
C ALA A 203 -11.06 -1.12 23.58
N GLU A 204 -9.92 -1.49 24.19
CA GLU A 204 -9.28 -2.76 23.85
C GLU A 204 -10.22 -3.93 24.18
N ALA A 205 -10.00 -5.09 23.55
CA ALA A 205 -10.69 -6.33 23.88
C ALA A 205 -10.54 -6.63 25.38
N LEU A 206 -11.66 -6.55 26.09
CA LEU A 206 -11.68 -6.83 27.51
C LEU A 206 -11.37 -8.31 27.69
N GLU A 207 -10.54 -8.61 28.68
CA GLU A 207 -10.07 -9.96 28.92
C GLU A 207 -11.23 -10.87 29.32
N ASN A 208 -12.36 -10.26 29.71
CA ASN A 208 -13.51 -11.04 30.14
C ASN A 208 -14.74 -10.47 29.43
N ILE A 209 -15.31 -11.31 28.55
CA ILE A 209 -16.47 -10.95 27.74
C ILE A 209 -17.58 -10.44 28.65
N ASN A 210 -17.62 -10.89 29.92
CA ASN A 210 -18.76 -10.56 30.78
C ASN A 210 -18.53 -9.23 31.50
N ASP A 211 -17.41 -8.57 31.21
CA ASP A 211 -17.24 -7.18 31.63
C ASP A 211 -17.92 -6.24 30.63
N TYR A 212 -18.20 -6.71 29.41
CA TYR A 212 -18.78 -5.84 28.37
C TYR A 212 -20.14 -5.26 28.73
N PRO A 213 -21.11 -6.06 29.26
CA PRO A 213 -22.43 -5.51 29.56
C PRO A 213 -22.34 -4.30 30.51
N THR A 214 -21.51 -4.41 31.54
CA THR A 214 -21.29 -3.35 32.52
C THR A 214 -20.68 -2.13 31.83
N PHE A 215 -19.66 -2.39 30.99
CA PHE A 215 -18.99 -1.34 30.25
C PHE A 215 -20.00 -0.60 29.35
N CYS A 216 -20.72 -1.38 28.53
CA CYS A 216 -21.58 -0.80 27.50
C CYS A 216 -22.77 -0.08 28.11
N LYS A 217 -23.28 -0.60 29.22
CA LYS A 217 -24.43 0.01 29.86
C LYS A 217 -24.03 1.33 30.50
N ALA A 218 -22.80 1.39 31.05
CA ALA A 218 -22.32 2.57 31.75
C ALA A 218 -22.06 3.73 30.78
N VAL A 219 -21.51 3.43 29.58
CA VAL A 219 -21.08 4.49 28.68
C VAL A 219 -22.20 4.95 27.75
N LYS A 220 -23.17 4.05 27.48
CA LYS A 220 -24.42 4.36 26.77
C LYS A 220 -24.20 4.37 25.26
N VAL A 221 -23.17 5.08 24.82
CA VAL A 221 -22.94 5.30 23.39
C VAL A 221 -22.41 3.99 22.80
N PRO A 222 -22.45 3.78 21.48
CA PRO A 222 -21.88 2.56 20.89
C PRO A 222 -20.41 2.36 21.29
N VAL A 223 -20.05 1.09 21.53
CA VAL A 223 -18.73 0.71 21.98
C VAL A 223 -18.09 -0.14 20.90
N LEU A 224 -16.80 0.13 20.62
CA LEU A 224 -16.00 -0.69 19.71
C LEU A 224 -15.07 -1.58 20.52
N ALA A 225 -14.99 -2.85 20.11
CA ALA A 225 -14.02 -3.78 20.66
C ALA A 225 -12.96 -4.05 19.61
N ASN A 226 -11.69 -3.98 20.02
CA ASN A 226 -10.57 -4.07 19.10
C ASN A 226 -10.03 -5.50 19.07
N MET A 227 -10.24 -6.18 17.95
CA MET A 227 -9.81 -7.58 17.83
C MET A 227 -8.47 -7.64 17.13
N THR A 228 -7.40 -7.32 17.85
CA THR A 228 -6.03 -7.38 17.35
CA THR A 228 -6.09 -7.43 17.24
C THR A 228 -5.49 -8.80 17.54
N GLU A 229 -4.57 -9.24 16.69
CA GLU A 229 -3.91 -10.52 16.88
C GLU A 229 -2.59 -10.28 17.58
N PHE A 230 -2.08 -11.36 18.20
CA PHE A 230 -0.71 -11.44 18.68
C PHE A 230 -0.43 -10.32 19.68
N GLY A 231 -1.43 -9.97 20.49
CA GLY A 231 -1.25 -9.10 21.64
C GLY A 231 -1.60 -9.84 22.93
N LYS A 232 -2.24 -9.13 23.88
CA LYS A 232 -2.55 -9.68 25.19
C LYS A 232 -4.06 -9.91 25.30
N THR A 233 -4.77 -9.69 24.19
CA THR A 233 -6.22 -9.71 24.20
C THR A 233 -6.74 -10.96 23.48
N PRO A 234 -7.80 -11.63 23.98
CA PRO A 234 -8.33 -12.84 23.34
C PRO A 234 -9.23 -12.47 22.16
N LEU A 235 -9.52 -13.46 21.30
CA LEU A 235 -10.39 -13.35 20.14
C LEU A 235 -11.75 -14.00 20.43
N TYR A 236 -12.77 -13.17 20.64
CA TYR A 236 -14.15 -13.64 20.70
C TYR A 236 -14.79 -13.45 19.32
N THR A 237 -15.95 -14.10 19.07
CA THR A 237 -16.63 -13.90 17.80
C THR A 237 -17.45 -12.61 17.84
N ALA A 238 -17.80 -12.11 16.66
CA ALA A 238 -18.59 -10.91 16.53
C ALA A 238 -19.93 -11.10 17.26
N ALA A 239 -20.55 -12.26 17.06
CA ALA A 239 -21.83 -12.57 17.67
C ALA A 239 -21.72 -12.51 19.20
N GLN A 240 -20.68 -13.17 19.75
CA GLN A 240 -20.48 -13.19 21.20
C GLN A 240 -20.39 -11.76 21.71
N LEU A 241 -19.57 -10.94 21.03
CA LEU A 241 -19.36 -9.57 21.46
C LEU A 241 -20.67 -8.79 21.38
N ALA A 242 -21.42 -8.98 20.27
CA ALA A 242 -22.69 -8.27 20.13
C ALA A 242 -23.68 -8.69 21.23
N ASP A 243 -23.69 -9.98 21.57
CA ASP A 243 -24.61 -10.48 22.59
C ASP A 243 -24.27 -9.90 23.96
N HIS A 244 -23.07 -9.32 24.09
CA HIS A 244 -22.66 -8.72 25.35
C HIS A 244 -22.71 -7.19 25.33
N GLY A 245 -23.29 -6.61 24.26
CA GLY A 245 -23.57 -5.18 24.25
C GLY A 245 -22.71 -4.38 23.26
N VAL A 246 -21.75 -5.02 22.58
CA VAL A 246 -20.77 -4.33 21.74
C VAL A 246 -21.38 -4.03 20.36
N LYS A 247 -21.16 -2.81 19.86
CA LYS A 247 -21.77 -2.36 18.61
C LYS A 247 -20.79 -2.38 17.43
N MET A 248 -19.48 -2.34 17.70
CA MET A 248 -18.50 -2.39 16.63
C MET A 248 -17.39 -3.34 17.02
N VAL A 249 -16.93 -4.14 16.06
CA VAL A 249 -15.75 -4.98 16.23
C VAL A 249 -14.77 -4.63 15.12
N LEU A 250 -13.53 -4.32 15.52
CA LEU A 250 -12.47 -3.85 14.63
C LEU A 250 -11.45 -4.96 14.40
N TYR A 251 -11.06 -5.14 13.14
CA TYR A 251 -10.00 -6.05 12.74
C TYR A 251 -8.89 -5.23 12.09
N PRO A 252 -8.04 -4.56 12.90
CA PRO A 252 -7.18 -3.47 12.43
C PRO A 252 -6.05 -3.83 11.47
N ARG A 253 -5.37 -4.97 11.67
CA ARG A 253 -4.18 -5.28 10.92
C ARG A 253 -4.28 -6.66 10.26
N SER A 254 -5.39 -7.35 10.47
CA SER A 254 -5.49 -8.78 10.13
C SER A 254 -5.07 -9.01 8.68
N ALA A 255 -5.69 -8.30 7.74
CA ALA A 255 -5.43 -8.52 6.32
C ALA A 255 -3.96 -8.24 6.04
N ASP A 256 -3.46 -7.17 6.64
CA ASP A 256 -2.12 -6.71 6.34
C ASP A 256 -1.07 -7.73 6.81
N ARG A 257 -1.30 -8.42 7.94
CA ARG A 257 -0.29 -9.37 8.38
C ARG A 257 -0.20 -10.56 7.41
N ALA A 258 -1.34 -10.94 6.83
CA ALA A 258 -1.38 -12.07 5.89
C ALA A 258 -0.74 -11.67 4.56
N MET A 259 -1.01 -10.43 4.11
CA MET A 259 -0.39 -9.88 2.90
C MET A 259 1.13 -9.93 3.02
N SER A 260 1.67 -9.49 4.17
CA SER A 260 3.12 -9.48 4.35
C SER A 260 3.71 -10.90 4.28
N LYS A 261 3.02 -11.87 4.89
CA LYS A 261 3.57 -13.22 4.85
C LYS A 261 3.60 -13.71 3.40
N ALA A 262 2.49 -13.47 2.68
CA ALA A 262 2.37 -13.85 1.29
C ALA A 262 3.43 -13.17 0.42
N ALA A 263 3.67 -11.87 0.62
CA ALA A 263 4.68 -11.17 -0.16
C ALA A 263 6.07 -11.80 0.08
N LEU A 264 6.39 -12.00 1.37
CA LEU A 264 7.69 -12.54 1.77
C LEU A 264 7.88 -13.91 1.09
N ALA A 265 6.82 -14.74 1.13
CA ALA A 265 6.88 -16.08 0.55
C ALA A 265 7.13 -16.01 -0.95
N VAL A 266 6.53 -15.05 -1.66
CA VAL A 266 6.76 -14.88 -3.08
C VAL A 266 8.20 -14.46 -3.33
N TYR A 267 8.68 -13.51 -2.53
CA TYR A 267 10.05 -13.04 -2.68
C TYR A 267 11.04 -14.21 -2.49
N GLU A 268 10.81 -15.03 -1.46
CA GLU A 268 11.71 -16.15 -1.17
C GLU A 268 11.65 -17.19 -2.29
N ASP A 269 10.43 -17.45 -2.79
CA ASP A 269 10.22 -18.35 -3.90
C ASP A 269 11.10 -17.93 -5.09
N ILE A 270 10.96 -16.66 -5.52
CA ILE A 270 11.65 -16.16 -6.70
C ILE A 270 13.16 -16.23 -6.47
N LYS A 271 13.58 -15.98 -5.23
CA LYS A 271 15.00 -15.93 -4.94
C LYS A 271 15.58 -17.34 -4.95
N LYS A 272 14.85 -18.29 -4.35
CA LYS A 272 15.31 -19.66 -4.16
C LYS A 272 15.29 -20.40 -5.50
N HIS A 273 14.18 -20.25 -6.24
CA HIS A 273 13.92 -21.09 -7.39
C HIS A 273 14.25 -20.43 -8.73
N GLY A 274 14.52 -19.12 -8.74
CA GLY A 274 14.80 -18.42 -9.99
C GLY A 274 13.56 -18.20 -10.86
N VAL A 275 12.37 -18.46 -10.28
CA VAL A 275 11.10 -18.36 -10.99
C VAL A 275 9.96 -18.48 -9.96
N GLN A 276 8.76 -17.99 -10.31
CA GLN A 276 7.68 -17.84 -9.34
C GLN A 276 6.60 -18.92 -9.51
N THR A 277 6.90 -19.97 -10.28
CA THR A 277 5.93 -21.02 -10.57
C THR A 277 5.26 -21.56 -9.29
N ALA A 278 6.05 -21.87 -8.26
CA ALA A 278 5.48 -22.45 -7.05
C ALA A 278 4.50 -21.48 -6.40
N SER A 279 4.62 -20.18 -6.70
CA SER A 279 3.80 -19.17 -6.04
C SER A 279 2.44 -19.02 -6.73
N LEU A 280 2.36 -19.42 -8.02
CA LEU A 280 1.18 -19.16 -8.84
C LEU A 280 -0.13 -19.49 -8.13
N PRO A 281 -0.29 -20.67 -7.48
CA PRO A 281 -1.57 -20.99 -6.84
C PRO A 281 -1.96 -20.00 -5.74
N PHE A 282 -1.00 -19.18 -5.28
CA PHE A 282 -1.25 -18.31 -4.14
C PHE A 282 -1.51 -16.87 -4.61
N MET A 283 -1.53 -16.65 -5.93
CA MET A 283 -1.73 -15.35 -6.55
C MET A 283 -3.18 -15.16 -6.96
N GLN A 284 -3.76 -13.99 -6.66
CA GLN A 284 -5.02 -13.59 -7.28
C GLN A 284 -4.80 -13.53 -8.79
N THR A 285 -5.78 -13.97 -9.57
CA THR A 285 -5.64 -13.94 -11.02
C THR A 285 -5.91 -12.54 -11.57
N ARG A 286 -5.33 -12.26 -12.75
CA ARG A 286 -5.60 -11.06 -13.54
C ARG A 286 -7.11 -10.86 -13.69
N GLU A 287 -7.83 -11.97 -13.86
CA GLU A 287 -9.25 -11.92 -14.13
C GLU A 287 -9.97 -11.39 -12.90
N ALA A 288 -9.58 -11.88 -11.72
CA ALA A 288 -10.27 -11.47 -10.51
C ALA A 288 -9.94 -10.01 -10.21
N LEU A 289 -8.68 -9.62 -10.49
CA LEU A 289 -8.22 -8.26 -10.32
C LEU A 289 -9.07 -7.34 -11.21
N TYR A 290 -9.28 -7.76 -12.47
CA TYR A 290 -10.05 -6.99 -13.45
C TYR A 290 -11.48 -6.82 -12.96
N GLU A 291 -12.06 -7.87 -12.35
CA GLU A 291 -13.42 -7.81 -11.85
C GLU A 291 -13.51 -6.80 -10.69
N VAL A 292 -12.53 -6.82 -9.77
CA VAL A 292 -12.59 -5.92 -8.62
C VAL A 292 -12.48 -4.47 -9.08
N LEU A 293 -11.69 -4.22 -10.14
CA LEU A 293 -11.43 -2.87 -10.65
C LEU A 293 -12.52 -2.41 -11.61
N ASN A 294 -13.33 -3.36 -12.09
CA ASN A 294 -14.28 -3.08 -13.17
C ASN A 294 -13.53 -2.74 -14.45
N TYR A 295 -12.41 -3.44 -14.72
CA TYR A 295 -11.47 -3.11 -15.79
C TYR A 295 -12.14 -3.10 -17.16
N HIS A 296 -13.06 -4.03 -17.38
CA HIS A 296 -13.60 -4.26 -18.71
C HIS A 296 -14.55 -3.11 -19.08
N ALA A 297 -15.21 -2.52 -18.06
CA ALA A 297 -16.09 -1.37 -18.26
C ALA A 297 -15.27 -0.08 -18.35
N TYR A 298 -13.99 -0.22 -18.68
CA TYR A 298 -13.15 0.89 -19.09
C TYR A 298 -12.53 0.55 -20.45
N GLU A 299 -11.68 -0.49 -20.48
CA GLU A 299 -10.84 -0.82 -21.62
C GLU A 299 -11.70 -1.03 -22.87
N ASP A 300 -12.72 -1.87 -22.72
CA ASP A 300 -13.66 -2.20 -23.77
C ASP A 300 -14.65 -1.04 -23.90
N LYS A 301 -15.19 -0.61 -22.76
CA LYS A 301 -16.41 0.16 -22.64
C LYS A 301 -16.35 1.41 -23.52
N LEU A 302 -15.17 2.03 -23.55
CA LEU A 302 -15.04 3.32 -24.19
C LEU A 302 -13.76 3.31 -25.01
N ASN A 303 -13.90 3.02 -26.32
CA ASN A 303 -12.76 2.77 -27.19
C ASN A 303 -13.01 3.38 -28.57
N GLN A 304 -11.94 3.95 -29.13
CA GLN A 304 -11.93 4.49 -30.48
C GLN A 304 -11.81 3.34 -31.49
N SER B 22 28.11 9.26 -2.48
CA SER B 22 29.31 9.11 -3.36
C SER B 22 29.00 8.17 -4.53
N MET B 23 28.28 7.07 -4.25
CA MET B 23 27.72 6.22 -5.29
C MET B 23 26.23 6.50 -5.46
N SER B 24 25.87 7.00 -6.65
CA SER B 24 24.54 7.47 -6.95
C SER B 24 23.57 6.29 -7.07
N PRO B 25 22.23 6.49 -6.97
CA PRO B 25 21.27 5.40 -7.19
C PRO B 25 21.51 4.71 -8.54
N GLY B 26 21.67 5.51 -9.60
CA GLY B 26 21.87 4.98 -10.95
C GLY B 26 23.11 4.09 -11.01
N LYS B 27 24.18 4.53 -10.34
CA LYS B 27 25.42 3.78 -10.33
C LYS B 27 25.18 2.45 -9.62
N LEU B 28 24.42 2.47 -8.52
CA LEU B 28 24.15 1.23 -7.81
C LEU B 28 23.40 0.26 -8.70
N PHE B 29 22.51 0.81 -9.54
CA PHE B 29 21.70 0.02 -10.44
C PHE B 29 22.59 -0.61 -11.52
N ARG B 30 23.42 0.22 -12.17
CA ARG B 30 24.33 -0.25 -13.21
C ARG B 30 25.21 -1.37 -12.65
N GLN B 31 25.63 -1.22 -11.39
CA GLN B 31 26.55 -2.16 -10.79
C GLN B 31 25.82 -3.45 -10.46
N ALA B 32 24.56 -3.33 -10.03
CA ALA B 32 23.75 -4.51 -9.76
C ALA B 32 23.54 -5.32 -11.05
N VAL B 33 23.33 -4.60 -12.17
CA VAL B 33 23.12 -5.24 -13.46
C VAL B 33 24.40 -5.98 -13.87
N ALA B 34 25.57 -5.34 -13.69
CA ALA B 34 26.86 -5.88 -14.09
C ALA B 34 27.21 -7.09 -13.24
N ASN B 35 26.84 -7.07 -11.96
CA ASN B 35 27.30 -8.06 -10.99
C ASN B 35 26.49 -9.35 -11.04
N GLU B 36 25.22 -9.26 -11.46
CA GLU B 36 24.32 -10.38 -11.31
C GLU B 36 24.11 -11.04 -12.67
N HIS B 37 23.77 -12.33 -12.62
CA HIS B 37 23.66 -13.10 -13.84
C HIS B 37 22.44 -14.02 -13.77
N PRO B 38 21.21 -13.49 -14.02
CA PRO B 38 20.98 -12.07 -14.31
C PRO B 38 20.45 -11.35 -13.08
N LEU B 39 20.31 -10.02 -13.16
CA LEU B 39 19.74 -9.24 -12.07
C LEU B 39 18.23 -9.49 -12.00
N GLN B 40 17.75 -10.07 -10.90
CA GLN B 40 16.31 -10.18 -10.66
C GLN B 40 15.83 -8.88 -10.00
N ILE B 41 14.80 -8.25 -10.58
CA ILE B 41 14.21 -7.03 -10.06
C ILE B 41 12.77 -7.36 -9.68
N VAL B 42 12.44 -7.18 -8.39
CA VAL B 42 11.12 -7.54 -7.91
C VAL B 42 10.27 -6.31 -7.62
N GLY B 43 9.01 -6.36 -8.08
CA GLY B 43 8.01 -5.36 -7.75
C GLY B 43 7.77 -5.27 -6.25
N ALA B 44 7.65 -4.02 -5.78
CA ALA B 44 7.17 -3.72 -4.44
C ALA B 44 6.19 -2.55 -4.54
N ILE B 45 4.97 -2.73 -4.01
CA ILE B 45 3.94 -1.69 -4.14
C ILE B 45 4.15 -0.57 -3.11
N ASN B 46 4.86 -0.86 -2.01
CA ASN B 46 4.99 0.09 -0.93
C ASN B 46 6.32 -0.15 -0.23
N ALA B 47 6.65 0.71 0.77
CA ALA B 47 7.97 0.69 1.38
C ALA B 47 8.15 -0.60 2.19
N TYR B 48 7.10 -1.08 2.83
CA TYR B 48 7.22 -2.30 3.60
C TYR B 48 7.57 -3.50 2.71
N CYS B 49 6.94 -3.56 1.51
CA CYS B 49 7.26 -4.64 0.60
C CYS B 49 8.71 -4.54 0.15
N ALA B 50 9.20 -3.31 -0.02
CA ALA B 50 10.58 -3.13 -0.44
C ALA B 50 11.54 -3.63 0.64
N LEU B 51 11.18 -3.44 1.91
CA LEU B 51 11.99 -3.92 3.03
C LEU B 51 11.99 -5.44 3.05
N LEU B 52 10.86 -6.06 2.72
CA LEU B 52 10.77 -7.51 2.68
C LEU B 52 11.71 -8.04 1.59
N ALA B 53 11.65 -7.44 0.40
CA ALA B 53 12.53 -7.86 -0.69
C ALA B 53 14.00 -7.71 -0.29
N GLU B 54 14.34 -6.60 0.37
CA GLU B 54 15.70 -6.33 0.75
C GLU B 54 16.20 -7.40 1.72
N ASN B 55 15.34 -7.79 2.66
CA ASN B 55 15.61 -8.80 3.67
C ASN B 55 15.95 -10.13 2.99
N VAL B 56 15.18 -10.50 1.97
CA VAL B 56 15.40 -11.73 1.22
C VAL B 56 16.72 -11.64 0.44
N GLY B 57 17.15 -10.43 0.04
CA GLY B 57 18.46 -10.28 -0.56
C GLY B 57 18.44 -9.90 -2.04
N PHE B 58 17.31 -9.39 -2.54
CA PHE B 58 17.29 -8.84 -3.89
C PHE B 58 18.19 -7.61 -3.96
N LYS B 59 18.70 -7.33 -5.17
CA LYS B 59 19.66 -6.26 -5.33
C LYS B 59 19.04 -5.04 -5.99
N ALA B 60 17.80 -5.17 -6.50
CA ALA B 60 17.08 -4.07 -7.10
C ALA B 60 15.58 -4.33 -6.97
N ILE B 61 14.82 -3.23 -6.93
CA ILE B 61 13.37 -3.30 -6.73
C ILE B 61 12.69 -2.45 -7.79
N TYR B 62 11.37 -2.61 -7.89
CA TYR B 62 10.61 -2.04 -8.99
C TYR B 62 9.29 -1.46 -8.49
N LEU B 63 8.93 -0.30 -9.07
CA LEU B 63 7.64 0.33 -8.83
C LEU B 63 6.84 0.24 -10.12
N SER B 64 5.85 -0.65 -10.12
CA SER B 64 5.01 -0.94 -11.26
C SER B 64 3.97 0.15 -11.45
N GLY B 65 3.82 0.59 -12.70
CA GLY B 65 2.82 1.58 -13.05
C GLY B 65 1.41 1.04 -12.88
N GLY B 66 1.23 -0.23 -13.29
CA GLY B 66 -0.06 -0.87 -13.12
C GLY B 66 -0.36 -1.02 -11.64
N GLY B 67 0.68 -1.34 -10.86
CA GLY B 67 0.56 -1.39 -9.41
C GLY B 67 0.18 -0.03 -8.83
N VAL B 68 0.76 1.06 -9.34
CA VAL B 68 0.42 2.38 -8.82
C VAL B 68 -1.09 2.61 -9.02
N ALA B 69 -1.54 2.36 -10.25
CA ALA B 69 -2.93 2.59 -10.63
C ALA B 69 -3.86 1.70 -9.82
N ASN B 70 -3.61 0.39 -9.90
CA ASN B 70 -4.48 -0.63 -9.34
C ASN B 70 -4.58 -0.47 -7.83
N THR B 71 -3.48 -0.08 -7.16
CA THR B 71 -3.52 0.11 -5.73
C THR B 71 -4.40 1.29 -5.34
N LEU B 72 -4.58 2.24 -6.27
CA LEU B 72 -5.51 3.35 -6.06
C LEU B 72 -6.95 2.97 -6.43
N GLY B 73 -7.16 1.74 -6.91
CA GLY B 73 -8.48 1.34 -7.37
C GLY B 73 -8.75 1.78 -8.81
N LEU B 74 -7.70 2.11 -9.57
CA LEU B 74 -7.85 2.53 -10.95
C LEU B 74 -7.30 1.47 -11.91
N PRO B 75 -7.87 1.36 -13.12
CA PRO B 75 -7.30 0.50 -14.16
C PRO B 75 -6.04 1.12 -14.73
N ASP B 76 -5.20 0.27 -15.31
CA ASP B 76 -3.91 0.65 -15.84
C ASP B 76 -4.10 1.25 -17.24
N LEU B 77 -4.77 2.40 -17.32
CA LEU B 77 -5.18 2.97 -18.59
C LEU B 77 -4.60 4.37 -18.79
N GLY B 78 -3.49 4.67 -18.10
CA GLY B 78 -2.82 5.95 -18.23
C GLY B 78 -3.59 7.09 -17.59
N ILE B 79 -4.38 6.78 -16.55
CA ILE B 79 -5.12 7.80 -15.82
C ILE B 79 -4.17 8.48 -14.81
N THR B 80 -3.25 7.71 -14.23
CA THR B 80 -2.34 8.21 -13.21
C THR B 80 -1.37 9.19 -13.85
N ASP B 81 -0.81 10.11 -13.05
CA ASP B 81 0.09 11.13 -13.58
C ASP B 81 1.46 11.02 -12.90
N LEU B 82 2.36 11.95 -13.22
CA LEU B 82 3.66 11.97 -12.56
C LEU B 82 3.51 11.93 -11.04
N HIS B 83 2.55 12.68 -10.48
CA HIS B 83 2.44 12.78 -9.02
C HIS B 83 2.04 11.45 -8.36
N ASP B 84 1.13 10.70 -8.98
CA ASP B 84 0.73 9.44 -8.39
C ASP B 84 1.95 8.54 -8.22
N VAL B 85 2.78 8.45 -9.28
CA VAL B 85 3.92 7.55 -9.31
C VAL B 85 5.05 8.07 -8.42
N LEU B 86 5.31 9.38 -8.53
CA LEU B 86 6.38 10.01 -7.77
C LEU B 86 6.16 9.79 -6.27
N GLU B 87 4.91 9.90 -5.82
CA GLU B 87 4.64 9.79 -4.40
C GLU B 87 4.91 8.36 -3.91
N ASP B 88 4.54 7.36 -4.71
CA ASP B 88 4.82 5.98 -4.34
C ASP B 88 6.32 5.71 -4.36
N ALA B 89 7.04 6.30 -5.32
CA ALA B 89 8.47 6.11 -5.44
C ALA B 89 9.20 6.71 -4.23
N ARG B 90 8.81 7.93 -3.84
CA ARG B 90 9.45 8.63 -2.72
C ARG B 90 9.31 7.83 -1.44
N ARG B 91 8.13 7.23 -1.23
CA ARG B 91 7.90 6.50 0.00
C ARG B 91 8.83 5.30 0.08
N ILE B 92 9.06 4.65 -1.07
CA ILE B 92 9.96 3.50 -1.11
C ILE B 92 11.41 3.94 -0.90
N THR B 93 11.88 4.94 -1.65
CA THR B 93 13.29 5.31 -1.53
C THR B 93 13.60 5.90 -0.15
N ALA B 94 12.60 6.44 0.57
CA ALA B 94 12.82 6.92 1.93
C ALA B 94 13.22 5.74 2.82
N ALA B 95 12.80 4.52 2.44
CA ALA B 95 12.94 3.41 3.37
C ALA B 95 14.14 2.53 3.02
N THR B 96 14.71 2.67 1.82
CA THR B 96 15.77 1.76 1.39
C THR B 96 16.65 2.43 0.34
N HIS B 97 17.94 2.07 0.33
CA HIS B 97 18.89 2.52 -0.69
C HIS B 97 18.98 1.52 -1.84
N LEU B 98 18.29 0.38 -1.71
CA LEU B 98 18.22 -0.60 -2.78
C LEU B 98 17.77 0.11 -4.05
N PRO B 99 18.51 0.02 -5.17
CA PRO B 99 18.18 0.78 -6.38
C PRO B 99 16.78 0.45 -6.91
N LEU B 100 16.00 1.50 -7.20
CA LEU B 100 14.61 1.35 -7.58
C LEU B 100 14.46 1.72 -9.06
N LEU B 101 13.81 0.83 -9.81
CA LEU B 101 13.41 1.11 -11.19
C LEU B 101 11.94 1.52 -11.17
N VAL B 102 11.62 2.63 -11.85
CA VAL B 102 10.26 3.15 -11.81
C VAL B 102 9.66 3.17 -13.20
N ASP B 103 8.42 2.67 -13.31
CA ASP B 103 7.61 2.73 -14.53
C ASP B 103 7.03 4.14 -14.70
N ILE B 104 7.43 4.84 -15.76
CA ILE B 104 6.86 6.17 -16.00
C ILE B 104 6.01 6.17 -17.28
N ASP B 105 5.54 4.98 -17.67
CA ASP B 105 4.62 4.84 -18.78
C ASP B 105 5.21 5.49 -20.03
N THR B 106 4.44 6.41 -20.65
CA THR B 106 4.90 7.07 -21.85
C THR B 106 5.48 8.46 -21.53
N GLY B 107 5.71 8.74 -20.24
CA GLY B 107 6.32 10.00 -19.84
C GLY B 107 5.32 11.09 -19.41
N PHE B 108 4.01 10.79 -19.46
CA PHE B 108 2.93 11.56 -18.85
C PHE B 108 2.52 12.81 -19.65
N GLY B 109 3.14 13.01 -20.82
CA GLY B 109 2.82 14.12 -21.72
C GLY B 109 3.98 14.31 -22.70
N GLY B 110 4.14 15.53 -23.19
CA GLY B 110 5.20 15.87 -24.13
C GLY B 110 6.58 16.00 -23.49
N ALA B 111 7.51 16.52 -24.29
CA ALA B 111 8.91 16.71 -23.97
C ALA B 111 9.10 17.32 -22.58
N PHE B 112 8.34 18.38 -22.26
CA PHE B 112 8.59 19.13 -21.04
C PHE B 112 8.14 18.33 -19.80
N THR B 113 7.04 17.57 -19.95
CA THR B 113 6.56 16.67 -18.91
C THR B 113 7.56 15.54 -18.69
N ILE B 114 8.13 15.02 -19.79
CA ILE B 114 9.12 13.95 -19.68
C ILE B 114 10.33 14.48 -18.93
N ALA B 115 10.78 15.69 -19.30
CA ALA B 115 11.92 16.29 -18.64
C ALA B 115 11.61 16.46 -17.14
N ARG B 116 10.39 16.91 -16.82
CA ARG B 116 10.02 17.10 -15.42
C ARG B 116 10.06 15.76 -14.70
N ALA B 117 9.54 14.71 -15.35
CA ALA B 117 9.50 13.39 -14.78
C ALA B 117 10.91 12.89 -14.43
N ILE B 118 11.85 13.05 -15.37
CA ILE B 118 13.22 12.58 -15.12
C ILE B 118 13.80 13.33 -13.92
N LYS B 119 13.67 14.66 -13.91
CA LYS B 119 14.30 15.45 -12.85
C LYS B 119 13.66 15.13 -11.50
N GLU B 120 12.32 14.97 -11.48
CA GLU B 120 11.63 14.61 -10.25
C GLU B 120 12.05 13.22 -9.78
N MET B 121 12.19 12.29 -10.73
CA MET B 121 12.58 10.93 -10.35
C MET B 121 14.00 10.95 -9.76
N GLU B 122 14.88 11.77 -10.36
CA GLU B 122 16.24 11.88 -9.84
C GLU B 122 16.20 12.49 -8.44
N ARG B 123 15.39 13.53 -8.26
CA ARG B 123 15.26 14.20 -6.96
C ARG B 123 14.72 13.20 -5.92
N ALA B 124 13.94 12.20 -6.36
CA ALA B 124 13.38 11.22 -5.43
C ALA B 124 14.33 10.06 -5.16
N GLN B 125 15.57 10.17 -5.66
CA GLN B 125 16.61 9.18 -5.39
C GLN B 125 16.31 7.88 -6.13
N VAL B 126 15.52 7.97 -7.21
CA VAL B 126 15.23 6.83 -8.05
C VAL B 126 16.47 6.51 -8.89
N ALA B 127 16.66 5.23 -9.20
CA ALA B 127 17.89 4.77 -9.86
C ALA B 127 17.69 4.67 -11.37
N ALA B 128 16.49 4.27 -11.80
CA ALA B 128 16.22 3.95 -13.20
C ALA B 128 14.74 4.18 -13.49
N VAL B 129 14.40 4.52 -14.75
CA VAL B 129 13.02 4.53 -15.18
C VAL B 129 12.89 3.74 -16.48
N HIS B 130 11.69 3.23 -16.76
CA HIS B 130 11.40 2.77 -18.10
C HIS B 130 10.25 3.60 -18.68
N MET B 131 10.42 3.95 -19.95
CA MET B 131 9.44 4.68 -20.73
C MET B 131 9.17 3.87 -21.99
N GLU B 132 7.90 3.84 -22.43
CA GLU B 132 7.52 2.94 -23.53
C GLU B 132 7.05 3.71 -24.77
N ASP B 133 6.82 2.95 -25.84
CA ASP B 133 6.49 3.48 -27.16
C ASP B 133 5.01 3.29 -27.49
N GLN B 134 4.14 3.22 -26.49
CA GLN B 134 2.70 3.24 -26.75
C GLN B 134 2.23 4.67 -26.95
N VAL B 135 1.07 4.82 -27.60
CA VAL B 135 0.33 6.08 -27.62
C VAL B 135 -0.14 6.40 -26.20
N ALA B 136 -0.28 7.70 -25.91
CA ALA B 136 -0.64 8.27 -24.61
C ALA B 136 -1.55 7.39 -23.74
N GLN B 137 -2.71 6.99 -24.27
CA GLN B 137 -3.68 6.28 -23.46
C GLN B 137 -3.37 4.78 -23.46
N LYS B 138 -2.28 4.44 -22.76
CA LYS B 138 -1.62 3.14 -22.84
C LYS B 138 -2.43 2.08 -22.10
N ARG B 139 -2.04 0.80 -22.30
CA ARG B 139 -2.58 -0.32 -21.55
C ARG B 139 -1.41 -1.20 -21.10
N CYS B 140 -1.72 -2.19 -20.26
CA CYS B 140 -0.83 -3.30 -20.00
C CYS B 140 -0.26 -3.82 -21.32
N GLY B 141 1.07 -3.98 -21.37
CA GLY B 141 1.77 -4.46 -22.55
C GLY B 141 1.36 -5.87 -22.97
N HIS B 142 0.74 -6.62 -22.05
CA HIS B 142 0.30 -7.99 -22.25
C HIS B 142 -1.14 -8.07 -22.78
N ARG B 143 -1.84 -6.94 -22.75
CA ARG B 143 -3.21 -6.84 -23.29
C ARG B 143 -3.20 -6.75 -24.81
N PRO B 144 -4.24 -7.30 -25.49
CA PRO B 144 -4.43 -7.08 -26.93
C PRO B 144 -4.84 -5.64 -27.26
N GLY B 145 -4.44 -5.19 -28.46
CA GLY B 145 -4.96 -3.95 -29.04
C GLY B 145 -4.22 -2.70 -28.57
N LYS B 146 -2.89 -2.79 -28.48
CA LYS B 146 -2.05 -1.64 -28.19
C LYS B 146 -1.77 -0.88 -29.47
N GLU B 147 -1.74 0.46 -29.37
CA GLU B 147 -1.25 1.31 -30.44
C GLU B 147 0.12 1.86 -30.05
N LEU B 148 1.03 1.81 -31.01
CA LEU B 148 2.40 2.30 -30.86
C LEU B 148 2.51 3.67 -31.53
N VAL B 149 3.35 4.53 -30.96
CA VAL B 149 3.82 5.69 -31.71
C VAL B 149 4.87 5.22 -32.71
N ASN B 150 5.14 6.04 -33.73
CA ASN B 150 6.18 5.71 -34.69
C ASN B 150 7.54 5.84 -34.01
N THR B 151 8.55 5.19 -34.59
CA THR B 151 9.91 5.21 -34.09
C THR B 151 10.35 6.64 -33.78
N ASN B 152 10.06 7.57 -34.71
CA ASN B 152 10.55 8.95 -34.64
C ASN B 152 10.05 9.63 -33.36
N GLU B 153 8.77 9.37 -33.04
CA GLU B 153 8.11 9.98 -31.90
C GLU B 153 8.72 9.43 -30.61
N MET B 154 9.00 8.12 -30.57
CA MET B 154 9.65 7.55 -29.39
C MET B 154 11.05 8.13 -29.26
N VAL B 155 11.75 8.32 -30.39
CA VAL B 155 13.07 8.91 -30.37
C VAL B 155 12.99 10.28 -29.69
N ASP B 156 11.96 11.06 -30.02
CA ASP B 156 11.79 12.39 -29.45
C ASP B 156 11.61 12.29 -27.94
N ARG B 157 10.77 11.35 -27.50
CA ARG B 157 10.55 11.08 -26.10
C ARG B 157 11.88 10.79 -25.39
N ILE B 158 12.68 9.89 -25.96
CA ILE B 158 13.97 9.51 -25.40
C ILE B 158 14.91 10.73 -25.32
N LYS B 159 14.93 11.53 -26.38
CA LYS B 159 15.82 12.70 -26.44
C LYS B 159 15.46 13.69 -25.33
N ALA B 160 14.16 13.91 -25.13
CA ALA B 160 13.66 14.78 -24.08
C ALA B 160 14.21 14.32 -22.73
N ALA B 161 14.21 12.99 -22.52
CA ALA B 161 14.66 12.42 -21.26
C ALA B 161 16.17 12.54 -21.13
N VAL B 162 16.92 12.20 -22.19
CA VAL B 162 18.37 12.11 -22.11
C VAL B 162 18.96 13.52 -21.92
N ASP B 163 18.27 14.51 -22.47
CA ASP B 163 18.72 15.89 -22.41
C ASP B 163 18.89 16.37 -20.98
N VAL B 164 18.13 15.81 -20.02
CA VAL B 164 18.14 16.40 -18.68
C VAL B 164 18.68 15.41 -17.66
N LYS B 165 18.92 14.16 -18.06
CA LYS B 165 19.30 13.17 -17.05
C LYS B 165 20.77 13.33 -16.71
N SER B 166 21.12 12.92 -15.48
CA SER B 166 22.51 12.73 -15.12
C SER B 166 23.07 11.50 -15.85
N ASN B 167 24.40 11.38 -15.88
CA ASN B 167 25.03 10.30 -16.64
C ASN B 167 24.73 8.96 -15.98
N ASP B 168 24.78 8.92 -14.64
CA ASP B 168 24.63 7.68 -13.91
C ASP B 168 23.18 7.17 -14.00
N PHE B 169 22.22 8.08 -14.11
CA PHE B 169 20.81 7.72 -14.07
C PHE B 169 20.47 6.83 -15.27
N VAL B 170 19.68 5.78 -15.05
CA VAL B 170 19.40 4.81 -16.10
C VAL B 170 18.03 5.06 -16.74
N LEU B 171 18.08 5.34 -18.06
CA LEU B 171 16.89 5.30 -18.88
C LEU B 171 16.76 3.96 -19.59
N ILE B 172 15.69 3.21 -19.27
CA ILE B 172 15.38 1.98 -19.99
C ILE B 172 14.28 2.29 -21.01
N ALA B 173 14.55 2.08 -22.30
CA ALA B 173 13.51 2.24 -23.30
C ALA B 173 12.77 0.92 -23.47
N ARG B 174 11.45 0.98 -23.36
CA ARG B 174 10.62 -0.21 -23.43
C ARG B 174 9.89 -0.20 -24.77
N THR B 175 9.93 -1.34 -25.46
CA THR B 175 9.14 -1.44 -26.68
C THR B 175 8.05 -2.48 -26.51
N ASP B 176 6.83 -2.11 -26.95
CA ASP B 176 5.69 -3.00 -26.91
C ASP B 176 5.38 -3.53 -28.31
N ALA B 177 6.38 -3.44 -29.21
CA ALA B 177 6.13 -3.58 -30.64
C ALA B 177 5.90 -5.03 -31.05
N TYR B 178 6.40 -5.97 -30.25
CA TYR B 178 6.44 -7.37 -30.64
C TYR B 178 5.08 -7.89 -31.08
N ALA B 179 4.05 -7.75 -30.24
CA ALA B 179 2.72 -8.29 -30.51
C ALA B 179 2.14 -7.69 -31.78
N VAL B 180 2.59 -6.48 -32.14
CA VAL B 180 1.89 -5.69 -33.14
C VAL B 180 2.65 -5.73 -34.46
N GLU B 181 3.98 -5.81 -34.39
CA GLU B 181 4.80 -5.57 -35.57
C GLU B 181 5.70 -6.76 -35.88
N GLY B 182 5.84 -7.71 -34.94
CA GLY B 182 6.77 -8.82 -35.11
C GLY B 182 8.17 -8.52 -34.57
N LEU B 183 8.97 -9.58 -34.46
CA LEU B 183 10.27 -9.55 -33.81
C LEU B 183 11.24 -8.62 -34.52
N LYS B 184 11.20 -8.62 -35.86
CA LYS B 184 12.18 -7.89 -36.65
C LYS B 184 12.03 -6.39 -36.44
N ALA B 185 10.78 -5.90 -36.54
CA ALA B 185 10.45 -4.49 -36.39
C ALA B 185 10.80 -4.02 -34.99
N THR B 186 10.56 -4.89 -34.01
CA THR B 186 10.81 -4.64 -32.60
C THR B 186 12.30 -4.39 -32.38
N ILE B 187 13.14 -5.26 -32.95
CA ILE B 187 14.58 -5.15 -32.80
C ILE B 187 15.06 -3.84 -33.44
N ASP B 188 14.49 -3.50 -34.59
CA ASP B 188 14.88 -2.28 -35.27
C ASP B 188 14.55 -1.07 -34.40
N ARG B 189 13.36 -1.06 -33.79
CA ARG B 189 12.98 0.04 -32.90
C ARG B 189 13.98 0.09 -31.75
N ALA B 190 14.16 -1.05 -31.07
CA ALA B 190 15.05 -1.11 -29.92
C ALA B 190 16.41 -0.52 -30.25
N CYS B 191 16.92 -0.84 -31.44
CA CYS B 191 18.26 -0.42 -31.86
C CYS B 191 18.28 1.10 -32.05
N THR B 192 17.22 1.63 -32.69
CA THR B 192 17.04 3.07 -32.88
C THR B 192 16.95 3.75 -31.51
N TYR B 193 16.28 3.10 -30.55
CA TYR B 193 16.13 3.66 -29.21
C TYR B 193 17.48 3.73 -28.51
N VAL B 194 18.35 2.72 -28.70
CA VAL B 194 19.69 2.74 -28.14
C VAL B 194 20.46 3.90 -28.79
N GLU B 195 20.28 4.08 -30.10
CA GLU B 195 21.03 5.11 -30.80
C GLU B 195 20.65 6.48 -30.27
N ALA B 196 19.37 6.63 -29.88
CA ALA B 196 18.84 7.88 -29.36
C ALA B 196 19.33 8.17 -27.94
N GLY B 197 19.94 7.17 -27.29
CA GLY B 197 20.55 7.40 -25.99
C GLY B 197 19.96 6.55 -24.85
N ALA B 198 19.05 5.62 -25.15
CA ALA B 198 18.58 4.75 -24.07
C ALA B 198 19.75 3.91 -23.57
N ASP B 199 19.81 3.70 -22.24
CA ASP B 199 20.89 2.98 -21.60
C ASP B 199 20.66 1.47 -21.68
N MET B 200 19.40 1.06 -21.56
CA MET B 200 19.03 -0.35 -21.54
C MET B 200 17.70 -0.50 -22.26
N ILE B 201 17.32 -1.76 -22.53
CA ILE B 201 16.13 -2.05 -23.31
C ILE B 201 15.23 -2.99 -22.49
N PHE B 202 13.92 -2.68 -22.53
CA PHE B 202 12.88 -3.49 -21.94
C PHE B 202 12.08 -4.13 -23.08
N ALA B 203 12.22 -5.45 -23.22
CA ALA B 203 11.67 -6.17 -24.35
C ALA B 203 10.37 -6.83 -23.90
N GLU B 204 9.26 -6.13 -24.12
CA GLU B 204 7.99 -6.49 -23.50
C GLU B 204 7.31 -7.63 -24.27
N ALA B 205 6.78 -8.62 -23.52
CA ALA B 205 5.84 -9.62 -24.01
C ALA B 205 6.38 -10.40 -25.21
N LEU B 206 7.70 -10.67 -25.23
CA LEU B 206 8.24 -11.67 -26.13
C LEU B 206 7.67 -13.02 -25.70
N GLU B 207 7.24 -13.84 -26.68
CA GLU B 207 6.41 -15.00 -26.36
C GLU B 207 7.24 -16.27 -26.23
N ASN B 208 8.50 -16.22 -26.66
CA ASN B 208 9.30 -17.43 -26.81
C ASN B 208 10.74 -17.12 -26.44
N ILE B 209 11.34 -17.94 -25.57
CA ILE B 209 12.72 -17.79 -25.10
C ILE B 209 13.69 -17.60 -26.27
N ASN B 210 13.35 -18.13 -27.44
CA ASN B 210 14.26 -18.11 -28.58
C ASN B 210 14.19 -16.79 -29.35
N ASP B 211 13.37 -15.86 -28.86
CA ASP B 211 13.37 -14.50 -29.39
C ASP B 211 14.54 -13.71 -28.79
N TYR B 212 15.00 -14.11 -27.60
CA TYR B 212 15.92 -13.31 -26.81
C TYR B 212 17.31 -13.21 -27.46
N PRO B 213 17.94 -14.32 -27.89
CA PRO B 213 19.36 -14.25 -28.31
C PRO B 213 19.57 -13.23 -29.42
N THR B 214 18.69 -13.26 -30.42
CA THR B 214 18.80 -12.37 -31.55
C THR B 214 18.49 -10.94 -31.11
N PHE B 215 17.50 -10.78 -30.22
CA PHE B 215 17.16 -9.47 -29.66
C PHE B 215 18.37 -8.88 -28.95
N CYS B 216 18.93 -9.66 -28.02
CA CYS B 216 19.98 -9.16 -27.14
C CYS B 216 21.26 -8.89 -27.90
N LYS B 217 21.55 -9.73 -28.89
CA LYS B 217 22.77 -9.56 -29.67
C LYS B 217 22.67 -8.30 -30.54
N ALA B 218 21.47 -8.01 -31.06
CA ALA B 218 21.25 -6.88 -31.93
C ALA B 218 21.36 -5.54 -31.18
N VAL B 219 20.81 -5.47 -29.95
CA VAL B 219 20.70 -4.19 -29.25
C VAL B 219 21.95 -3.87 -28.44
N LYS B 220 22.68 -4.90 -27.98
CA LYS B 220 23.99 -4.77 -27.33
C LYS B 220 23.86 -4.35 -25.87
N VAL B 221 23.04 -3.33 -25.61
CA VAL B 221 22.90 -2.80 -24.27
C VAL B 221 22.14 -3.81 -23.41
N PRO B 222 22.23 -3.79 -22.07
CA PRO B 222 21.50 -4.78 -21.26
C PRO B 222 20.00 -4.79 -21.56
N VAL B 223 19.41 -5.99 -21.57
CA VAL B 223 18.01 -6.19 -21.92
C VAL B 223 17.29 -6.75 -20.70
N LEU B 224 16.08 -6.24 -20.44
CA LEU B 224 15.23 -6.75 -19.39
C LEU B 224 14.14 -7.61 -20.03
N ALA B 225 13.89 -8.80 -19.44
CA ALA B 225 12.75 -9.62 -19.79
C ALA B 225 11.71 -9.56 -18.68
N ASN B 226 10.44 -9.44 -19.06
CA ASN B 226 9.37 -9.19 -18.13
C ASN B 226 8.66 -10.51 -17.79
N MET B 227 8.96 -11.07 -16.60
CA MET B 227 8.37 -12.35 -16.22
C MET B 227 7.11 -12.13 -15.40
N THR B 228 6.09 -11.56 -16.05
CA THR B 228 4.83 -11.30 -15.39
C THR B 228 3.92 -12.50 -15.60
N GLU B 229 3.01 -12.69 -14.65
CA GLU B 229 2.11 -13.83 -14.63
C GLU B 229 0.83 -13.45 -15.37
N PHE B 230 0.07 -14.47 -15.78
CA PHE B 230 -1.24 -14.31 -16.40
C PHE B 230 -1.16 -13.41 -17.65
N GLY B 231 -0.04 -13.54 -18.39
CA GLY B 231 0.18 -12.72 -19.58
C GLY B 231 0.39 -13.57 -20.83
N LYS B 232 1.28 -13.09 -21.71
CA LYS B 232 1.56 -13.65 -23.02
C LYS B 232 2.88 -14.40 -22.97
N THR B 233 3.55 -14.32 -21.82
CA THR B 233 4.85 -14.96 -21.67
C THR B 233 4.70 -16.24 -20.84
N PRO B 234 5.39 -17.33 -21.25
CA PRO B 234 5.61 -18.46 -20.36
C PRO B 234 6.61 -18.00 -19.28
N LEU B 235 6.55 -18.65 -18.12
CA LEU B 235 7.44 -18.29 -17.02
C LEU B 235 8.71 -19.12 -17.11
N TYR B 236 9.75 -18.50 -17.66
CA TYR B 236 11.07 -19.09 -17.72
C TYR B 236 11.89 -18.74 -16.48
N THR B 237 12.93 -19.54 -16.23
CA THR B 237 13.79 -19.29 -15.08
C THR B 237 14.79 -18.19 -15.42
N ALA B 238 15.34 -17.57 -14.38
CA ALA B 238 16.34 -16.54 -14.54
C ALA B 238 17.55 -17.09 -15.29
N ALA B 239 17.94 -18.33 -14.97
CA ALA B 239 19.08 -18.97 -15.62
C ALA B 239 18.82 -19.12 -17.12
N GLN B 240 17.63 -19.63 -17.47
CA GLN B 240 17.25 -19.82 -18.87
C GLN B 240 17.36 -18.49 -19.60
N LEU B 241 16.79 -17.43 -18.99
CA LEU B 241 16.77 -16.12 -19.62
C LEU B 241 18.19 -15.60 -19.77
N ALA B 242 19.03 -15.78 -18.74
CA ALA B 242 20.41 -15.32 -18.84
C ALA B 242 21.15 -16.07 -19.94
N ASP B 243 20.89 -17.38 -20.08
CA ASP B 243 21.55 -18.19 -21.09
C ASP B 243 21.13 -17.76 -22.49
N HIS B 244 20.06 -16.95 -22.59
CA HIS B 244 19.61 -16.46 -23.88
C HIS B 244 19.98 -15.00 -24.11
N GLY B 245 20.83 -14.44 -23.23
CA GLY B 245 21.43 -13.11 -23.39
C GLY B 245 20.74 -12.01 -22.58
N VAL B 246 19.82 -12.36 -21.67
CA VAL B 246 19.07 -11.38 -20.89
C VAL B 246 19.89 -10.98 -19.67
N LYS B 247 19.92 -9.68 -19.36
CA LYS B 247 20.65 -9.18 -18.21
C LYS B 247 19.75 -8.86 -17.01
N MET B 248 18.45 -8.62 -17.24
CA MET B 248 17.56 -8.28 -16.13
C MET B 248 16.27 -9.09 -16.29
N VAL B 249 15.77 -9.64 -15.16
CA VAL B 249 14.45 -10.25 -15.17
C VAL B 249 13.57 -9.52 -14.16
N LEU B 250 12.40 -9.08 -14.63
CA LEU B 250 11.45 -8.31 -13.83
C LEU B 250 10.30 -9.20 -13.37
N TYR B 251 9.97 -9.10 -12.08
CA TYR B 251 8.79 -9.73 -11.50
C TYR B 251 7.88 -8.61 -10.99
N PRO B 252 7.07 -8.01 -11.89
CA PRO B 252 6.45 -6.71 -11.64
C PRO B 252 5.33 -6.65 -10.59
N ARG B 253 4.47 -7.67 -10.54
CA ARG B 253 3.31 -7.70 -9.66
C ARG B 253 3.25 -9.00 -8.86
N SER B 254 4.30 -9.86 -8.93
CA SER B 254 4.21 -11.18 -8.32
C SER B 254 3.78 -11.10 -6.86
N ALA B 255 4.50 -10.27 -6.06
CA ALA B 255 4.21 -10.21 -4.63
C ALA B 255 2.80 -9.68 -4.44
N ASP B 256 2.47 -8.68 -5.23
CA ASP B 256 1.21 -7.97 -5.09
C ASP B 256 0.03 -8.91 -5.34
N ARG B 257 0.17 -9.87 -6.26
CA ARG B 257 -0.99 -10.72 -6.56
C ARG B 257 -1.28 -11.66 -5.38
N ALA B 258 -0.21 -12.14 -4.74
CA ALA B 258 -0.33 -13.02 -3.59
C ALA B 258 -0.89 -12.26 -2.39
N MET B 259 -0.44 -11.02 -2.19
CA MET B 259 -0.94 -10.17 -1.12
C MET B 259 -2.46 -10.00 -1.23
N SER B 260 -2.93 -9.68 -2.44
CA SER B 260 -4.37 -9.50 -2.65
C SER B 260 -5.16 -10.78 -2.33
N LYS B 261 -4.64 -11.94 -2.75
CA LYS B 261 -5.40 -13.16 -2.47
C LYS B 261 -5.45 -13.38 -0.95
N ALA B 262 -4.32 -13.17 -0.27
CA ALA B 262 -4.23 -13.31 1.18
C ALA B 262 -5.17 -12.36 1.88
N ALA B 263 -5.24 -11.10 1.42
CA ALA B 263 -6.12 -10.13 2.05
C ALA B 263 -7.57 -10.60 1.93
N LEU B 264 -7.93 -10.99 0.71
CA LEU B 264 -9.29 -11.42 0.39
C LEU B 264 -9.66 -12.61 1.28
N ALA B 265 -8.75 -13.56 1.42
CA ALA B 265 -8.98 -14.75 2.23
C ALA B 265 -9.20 -14.39 3.70
N VAL B 266 -8.45 -13.40 4.23
CA VAL B 266 -8.65 -12.95 5.59
C VAL B 266 -10.03 -12.30 5.73
N TYR B 267 -10.39 -11.47 4.75
CA TYR B 267 -11.66 -10.78 4.78
C TYR B 267 -12.80 -11.80 4.76
N GLU B 268 -12.70 -12.84 3.93
CA GLU B 268 -13.76 -13.86 3.82
C GLU B 268 -13.85 -14.64 5.13
N ASP B 269 -12.68 -14.93 5.72
CA ASP B 269 -12.61 -15.65 6.98
C ASP B 269 -13.42 -14.88 8.03
N ILE B 270 -13.11 -13.59 8.20
CA ILE B 270 -13.72 -12.76 9.23
C ILE B 270 -15.22 -12.66 8.97
N LYS B 271 -15.60 -12.58 7.70
CA LYS B 271 -17.01 -12.39 7.35
C LYS B 271 -17.77 -13.69 7.66
N LYS B 272 -17.17 -14.84 7.28
CA LYS B 272 -17.84 -16.14 7.35
C LYS B 272 -17.90 -16.60 8.81
N HIS B 273 -16.79 -16.47 9.55
CA HIS B 273 -16.63 -17.10 10.85
C HIS B 273 -16.82 -16.13 12.02
N GLY B 274 -16.91 -14.83 11.76
CA GLY B 274 -17.15 -13.85 12.82
C GLY B 274 -15.89 -13.55 13.65
N VAL B 275 -14.74 -14.05 13.18
CA VAL B 275 -13.46 -14.00 13.89
C VAL B 275 -12.36 -14.50 12.95
N GLN B 276 -11.10 -14.09 13.22
CA GLN B 276 -10.01 -14.33 12.30
C GLN B 276 -9.11 -15.50 12.72
N THR B 277 -9.55 -16.29 13.70
CA THR B 277 -8.77 -17.42 14.22
C THR B 277 -8.19 -18.28 13.09
N ALA B 278 -9.04 -18.70 12.14
CA ALA B 278 -8.52 -19.58 11.10
C ALA B 278 -7.42 -18.92 10.28
N SER B 279 -7.34 -17.58 10.31
CA SER B 279 -6.35 -16.87 9.49
C SER B 279 -5.00 -16.76 10.19
N LEU B 280 -4.97 -16.90 11.53
CA LEU B 280 -3.75 -16.67 12.30
C LEU B 280 -2.53 -17.36 11.70
N PRO B 281 -2.58 -18.66 11.32
CA PRO B 281 -1.41 -19.34 10.78
C PRO B 281 -0.86 -18.71 9.49
N PHE B 282 -1.67 -17.84 8.85
CA PHE B 282 -1.29 -17.27 7.56
C PHE B 282 -0.75 -15.84 7.72
N MET B 283 -0.63 -15.38 8.97
CA MET B 283 -0.19 -14.04 9.28
C MET B 283 1.28 -14.03 9.68
N GLN B 284 2.02 -13.05 9.16
CA GLN B 284 3.35 -12.74 9.68
C GLN B 284 3.25 -12.45 11.17
N THR B 285 4.24 -12.94 11.96
CA THR B 285 4.25 -12.69 13.40
C THR B 285 4.73 -11.26 13.70
N ARG B 286 4.33 -10.75 14.88
CA ARG B 286 4.81 -9.47 15.38
C ARG B 286 6.34 -9.45 15.40
N GLU B 287 6.94 -10.60 15.72
CA GLU B 287 8.39 -10.70 15.85
C GLU B 287 9.03 -10.44 14.49
N ALA B 288 8.46 -11.05 13.45
CA ALA B 288 9.07 -10.93 12.14
C ALA B 288 8.86 -9.50 11.63
N LEU B 289 7.70 -8.91 11.95
CA LEU B 289 7.38 -7.55 11.56
C LEU B 289 8.38 -6.60 12.23
N TYR B 290 8.65 -6.82 13.52
CA TYR B 290 9.60 -5.99 14.26
C TYR B 290 10.99 -6.06 13.65
N GLU B 291 11.39 -7.26 13.22
CA GLU B 291 12.70 -7.45 12.62
C GLU B 291 12.78 -6.69 11.28
N VAL B 292 11.73 -6.80 10.45
CA VAL B 292 11.81 -6.17 9.13
C VAL B 292 11.84 -4.64 9.29
N LEU B 293 11.13 -4.11 10.30
CA LEU B 293 11.11 -2.67 10.55
C LEU B 293 12.41 -2.25 11.25
N ASN B 294 13.14 -3.23 11.79
CA ASN B 294 14.34 -2.99 12.57
C ASN B 294 14.00 -2.17 13.81
N TYR B 295 12.91 -2.58 14.47
CA TYR B 295 12.33 -1.82 15.57
C TYR B 295 13.36 -1.60 16.69
N HIS B 296 14.23 -2.59 16.92
CA HIS B 296 15.13 -2.56 18.06
C HIS B 296 16.21 -1.49 17.87
N ALA B 297 16.60 -1.22 16.62
CA ALA B 297 17.54 -0.15 16.30
C ALA B 297 17.02 1.20 16.77
N TYR B 298 15.68 1.30 16.93
CA TYR B 298 15.08 2.56 17.37
C TYR B 298 15.36 2.77 18.86
N GLU B 299 14.95 1.81 19.71
CA GLU B 299 15.32 1.79 21.14
C GLU B 299 16.82 1.99 21.33
N ASP B 300 17.63 1.25 20.55
CA ASP B 300 19.08 1.34 20.53
C ASP B 300 19.55 2.77 20.31
N LYS B 301 18.97 3.44 19.30
CA LYS B 301 19.42 4.78 18.94
C LYS B 301 19.16 5.73 20.11
N LEU B 302 18.00 5.56 20.76
CA LEU B 302 17.68 6.45 21.85
C LEU B 302 18.70 6.23 22.97
N ASN B 303 19.10 4.96 23.18
CA ASN B 303 20.04 4.66 24.26
C ASN B 303 21.41 5.23 23.88
N GLN B 304 21.78 5.08 22.59
CA GLN B 304 23.03 5.61 22.09
C GLN B 304 23.15 7.11 22.36
N LEU B 305 22.09 7.88 22.06
CA LEU B 305 22.20 9.33 21.97
C LEU B 305 21.80 10.01 23.29
N PHE B 306 20.78 9.46 23.96
CA PHE B 306 20.20 10.09 25.13
C PHE B 306 20.48 9.25 26.39
N LYS B 307 21.76 9.18 26.77
CA LYS B 307 22.22 8.44 27.93
C LYS B 307 23.24 9.29 28.71
C1 MIC C . -3.53 0.60 15.19
O1 MIC C . -4.05 0.15 14.13
O2 MIC C . -2.56 1.44 15.26
C2 MIC C . -4.13 0.08 16.52
CM2 MIC C . -5.57 -0.37 16.32
O7 MIC C . -4.13 1.12 17.48
C3 MIC C . -3.31 -1.07 17.13
C4 MIC C . -3.85 -2.43 16.64
C5 MIC C . -2.75 -3.46 16.46
O3 MIC C . -2.53 -4.27 17.40
O4 MIC C . -2.09 -3.43 15.41
C6 MIC C . -3.23 -0.98 18.66
O5 MIC C . -2.58 -0.05 19.15
O6 MIC C . -3.83 -1.85 19.33
C1 EOH D . -2.16 24.81 18.95
C2 EOH D . -2.99 24.97 20.16
O EOH D . -2.41 23.62 18.22
C1 EOH E . -25.22 1.34 5.37
C2 EOH E . -24.55 0.10 5.77
O EOH E . -24.61 2.52 5.87
C1 EDO F . -20.48 -16.14 27.57
O1 EDO F . -19.25 -16.71 28.00
C2 EDO F . -21.19 -15.34 28.61
O2 EDO F . -22.60 -15.27 28.43
C1 EOH G . -7.26 25.03 12.38
C2 EOH G . -8.36 25.69 13.13
O EOH G . -7.48 24.90 10.96
C1 EOH H . -21.73 -7.15 9.39
C2 EOH H . -21.10 -5.89 9.65
O EOH H . -20.72 -8.14 9.32
C1 EOH I . 3.99 14.33 15.28
C2 EOH I . 2.55 14.15 15.10
O EOH I . 4.77 13.54 14.39
C1 EOH J . 2.15 -4.91 3.61
C2 EOH J . 1.20 -6.00 3.51
O EOH J . 2.44 -4.45 2.36
MG MG K . -2.77 3.43 16.00
CL CL L . 5.39 -1.43 15.28
CL CL M . -5.59 -3.09 -15.04
CL CL N . -22.94 8.43 29.79
CL CL O . -16.57 6.31 -5.46
CL CL P . -9.59 16.62 -0.13
C1 MIC Q . 3.56 -2.94 -14.86
O1 MIC Q . 3.64 -3.62 -13.80
O2 MIC Q . 3.06 -1.75 -14.96
C2 MIC Q . 4.10 -3.59 -16.15
CM2 MIC Q . 5.39 -4.42 -15.99
O7 MIC Q . 4.44 -2.53 -17.03
C3 MIC Q . 2.99 -4.53 -16.67
C4 MIC Q . 2.89 -5.84 -15.87
C5 MIC Q . 1.54 -6.57 -15.98
O3 MIC Q . 1.46 -7.76 -15.52
O4 MIC Q . 0.57 -5.97 -16.50
C6 MIC Q . 3.10 -4.74 -18.19
O5 MIC Q . 3.71 -5.75 -18.61
O6 MIC Q . 2.58 -3.88 -18.94
C1 EOH R . 10.66 20.91 -17.27
C2 EOH R . 11.87 21.32 -18.01
O EOH R . 10.84 20.92 -15.85
C1 EOH S . 1.44 -17.69 13.71
C2 EOH S . 2.63 -18.41 13.22
O EOH S . 0.44 -18.55 14.26
C1 EOH T . 19.30 15.02 -7.09
C2 EOH T . 19.12 15.21 -8.54
O EOH T . 20.27 14.05 -6.69
C1 EDO U . 21.19 13.92 -2.22
O1 EDO U . 20.53 14.13 -3.45
C2 EDO U . 20.28 13.97 -1.05
O2 EDO U . 20.21 12.74 -0.34
C1 EOH V . -2.13 11.61 -17.19
C2 EOH V . -2.13 13.03 -16.79
O EOH V . -0.88 11.09 -17.66
C1 EDO W . 1.20 -17.68 -15.51
O1 EDO W . 2.01 -17.40 -16.64
C2 EDO W . -0.26 -17.65 -15.77
O2 EDO W . -0.91 -18.90 -15.68
C1 EDO X . 1.85 -21.61 5.21
O1 EDO X . 1.15 -21.77 6.43
C2 EDO X . 1.48 -20.39 4.47
O2 EDO X . 1.38 -20.60 3.07
C1 EDO Y . -5.14 -21.23 2.46
O1 EDO Y . -3.97 -21.15 1.67
C2 EDO Y . -5.57 -19.91 2.97
O2 EDO Y . -6.76 -19.50 2.36
MG MG Z . 3.05 -0.25 -16.48
CL CL AA . 16.98 4.04 13.33
CL CL BA . 17.44 4.79 3.92
CL CL CA . 24.07 4.82 -24.82
#